data_1IF1
#
_entry.id   1IF1
#
_cell.length_a   84.800
_cell.length_b   84.800
_cell.length_c   203.700
_cell.angle_alpha   90.00
_cell.angle_beta   90.00
_cell.angle_gamma   120.00
#
_symmetry.space_group_name_H-M   'H 3'
#
loop_
_entity.id
_entity.type
_entity.pdbx_description
1 polymer 'DNA (26-MER)'
2 polymer 'PROTEIN (INTERFERON REGULATORY FACTOR 1)'
3 water water
#
loop_
_entity_poly.entity_id
_entity_poly.type
_entity_poly.pdbx_seq_one_letter_code
_entity_poly.pdbx_strand_id
1 'polydeoxyribonucleotide'
;(DG)(DA)(DG)(DA)(DA)(DG)(DT)(DG)(DA)(DA)(DA)(DG)(DT)(DA)(DC)(DT)(DT)(DT)(DC)(DA)
(DC)(DT)(DT)(DC)(DT)(DC)
;
C,D
2 'polypeptide(L)'
;MPITWMRMRPWLEMQINSNQIPGLIWINKEEMIFQIPWKHAAKHGWDINKDACLFRSWAIHTGRYKAGEKEPDPKTWKAN
FRCAMNSLPDIEEVKDQSRNKGSSAVRVYRMLP
;
A,B
#
loop_
_chem_comp.id
_chem_comp.type
_chem_comp.name
_chem_comp.formula
DA DNA linking 2'-DEOXYADENOSINE-5'-MONOPHOSPHATE 'C10 H14 N5 O6 P'
DC DNA linking 2'-DEOXYCYTIDINE-5'-MONOPHOSPHATE 'C9 H14 N3 O7 P'
DG DNA linking 2'-DEOXYGUANOSINE-5'-MONOPHOSPHATE 'C10 H14 N5 O7 P'
DT DNA linking THYMIDINE-5'-MONOPHOSPHATE 'C10 H15 N2 O8 P'
#
# COMPACT_ATOMS: atom_id res chain seq x y z
N ARG C 7 11.75 -0.18 -10.82
CA ARG C 7 10.64 -1.15 -10.51
C ARG C 7 11.04 -2.09 -9.35
N MET C 8 10.88 -1.54 -8.16
CA MET C 8 11.19 -2.19 -6.88
C MET C 8 12.65 -2.57 -6.62
N ARG C 9 12.94 -2.63 -5.33
CA ARG C 9 14.25 -2.97 -4.82
C ARG C 9 14.08 -4.33 -4.14
N PRO C 10 15.06 -4.81 -3.35
CA PRO C 10 14.73 -6.13 -2.80
C PRO C 10 13.82 -5.98 -1.61
N TRP C 11 13.21 -7.08 -1.17
CA TRP C 11 12.42 -6.91 0.01
C TRP C 11 13.17 -7.49 1.24
N LEU C 12 12.69 -7.19 2.45
CA LEU C 12 13.39 -7.64 3.65
C LEU C 12 14.20 -8.92 3.47
N GLU C 13 13.61 -10.10 3.18
CA GLU C 13 14.49 -11.31 3.16
C GLU C 13 15.77 -11.09 2.40
N MET C 14 15.83 -10.05 1.60
CA MET C 14 17.00 -9.75 0.81
C MET C 14 17.88 -8.78 1.58
N GLN C 15 17.43 -7.52 1.65
CA GLN C 15 18.15 -6.53 2.40
C GLN C 15 18.88 -7.29 3.54
N ILE C 16 18.22 -7.92 4.52
CA ILE C 16 19.07 -8.59 5.53
C ILE C 16 20.05 -9.65 4.96
N ASN C 17 19.56 -10.53 4.09
CA ASN C 17 20.40 -11.57 3.51
C ASN C 17 21.68 -10.90 3.11
N SER C 18 21.58 -9.90 2.24
CA SER C 18 22.78 -9.20 1.82
C SER C 18 23.42 -8.57 3.04
N ASN C 19 22.68 -7.70 3.72
CA ASN C 19 23.21 -7.02 4.90
C ASN C 19 23.94 -7.89 5.92
N GLN C 20 23.80 -9.20 5.88
CA GLN C 20 24.53 -10.04 6.83
C GLN C 20 25.76 -10.56 6.13
N ILE C 21 25.66 -10.55 4.81
CA ILE C 21 26.73 -11.01 3.96
C ILE C 21 27.80 -9.91 3.73
N PRO C 22 27.64 -8.70 4.32
CA PRO C 22 28.66 -7.68 4.13
C PRO C 22 29.37 -7.45 5.48
N GLY C 23 29.24 -6.21 5.92
CA GLY C 23 29.83 -5.81 7.17
C GLY C 23 28.93 -4.79 7.84
N LEU C 24 28.02 -5.30 8.67
CA LEU C 24 27.23 -4.37 9.42
C LEU C 24 27.66 -4.52 10.86
N ILE C 25 27.23 -5.60 11.52
CA ILE C 25 27.61 -5.78 12.92
C ILE C 25 27.04 -7.04 13.56
N TRP C 26 26.25 -7.79 12.79
CA TRP C 26 25.73 -9.05 13.27
C TRP C 26 26.13 -10.14 12.24
N ILE C 27 25.85 -11.38 12.59
CA ILE C 27 26.24 -12.60 11.90
C ILE C 27 25.24 -13.57 11.41
N ASN C 28 25.75 -14.37 10.50
CA ASN C 28 25.04 -15.50 9.91
C ASN C 28 25.59 -16.66 10.82
N LYS C 29 25.42 -16.52 12.13
CA LYS C 29 25.87 -17.56 13.04
C LYS C 29 25.28 -18.91 12.65
N GLU C 30 25.32 -19.22 11.36
CA GLU C 30 24.85 -20.45 10.77
C GLU C 30 24.63 -20.20 9.27
N GLU C 31 24.24 -21.26 8.55
CA GLU C 31 23.94 -21.21 7.11
C GLU C 31 22.47 -21.59 7.07
N MET C 32 21.68 -20.76 7.77
CA MET C 32 20.23 -20.81 7.96
C MET C 32 19.88 -19.57 8.80
N ILE C 33 20.52 -19.49 9.96
CA ILE C 33 20.32 -18.50 11.02
C ILE C 33 21.20 -17.31 11.22
N PHE C 34 20.67 -16.25 11.82
CA PHE C 34 21.46 -15.05 12.05
C PHE C 34 21.12 -14.21 13.31
N GLN C 35 21.91 -13.17 13.59
CA GLN C 35 21.64 -12.31 14.76
C GLN C 35 21.17 -10.90 14.40
N ILE C 36 20.90 -10.05 15.38
CA ILE C 36 20.53 -8.65 15.10
C ILE C 36 20.70 -7.90 16.41
N PRO C 37 21.62 -6.94 16.46
CA PRO C 37 21.91 -6.11 17.62
C PRO C 37 20.73 -5.30 18.17
N TRP C 38 19.96 -5.98 19.00
CA TRP C 38 18.80 -5.40 19.63
C TRP C 38 19.13 -4.69 20.93
N LYS C 39 20.29 -4.04 21.04
CA LYS C 39 20.58 -3.40 22.34
C LYS C 39 19.45 -2.51 22.71
N HIS C 40 18.88 -2.73 23.88
CA HIS C 40 17.77 -1.86 24.22
C HIS C 40 18.43 -0.52 24.18
N ALA C 41 17.69 0.51 23.79
CA ALA C 41 18.26 1.85 23.66
C ALA C 41 18.16 2.82 24.80
N ALA C 42 18.18 2.30 26.03
CA ALA C 42 18.18 3.16 27.24
C ALA C 42 19.38 2.64 28.01
N LYS C 43 19.86 1.47 27.57
CA LYS C 43 21.04 0.85 28.13
C LYS C 43 21.95 2.00 27.90
N HIS C 44 22.92 2.20 28.78
CA HIS C 44 23.75 3.37 28.61
C HIS C 44 24.67 3.35 27.46
N GLY C 45 25.18 2.17 27.12
CA GLY C 45 26.11 2.08 26.01
C GLY C 45 25.45 2.14 24.65
N TRP C 46 24.40 2.95 24.50
CA TRP C 46 23.71 2.99 23.21
C TRP C 46 24.02 4.06 22.19
N ASP C 47 24.85 3.72 21.21
CA ASP C 47 25.20 4.67 20.19
C ASP C 47 24.38 4.46 18.91
N ILE C 48 23.54 5.44 18.58
CA ILE C 48 22.72 5.31 17.39
C ILE C 48 23.55 4.71 16.31
N ASN C 49 24.77 5.20 16.17
CA ASN C 49 25.56 4.71 15.09
C ASN C 49 26.13 3.34 15.29
N LYS C 50 25.76 2.68 16.34
CA LYS C 50 26.38 1.39 16.46
C LYS C 50 25.34 0.33 16.69
N ASP C 51 24.16 0.77 17.06
CA ASP C 51 23.11 -0.19 17.36
C ASP C 51 21.97 -0.10 16.35
N ALA C 52 21.45 1.10 16.29
CA ALA C 52 20.38 1.41 15.43
C ALA C 52 20.92 1.62 14.04
N CYS C 53 21.51 0.58 13.46
CA CYS C 53 22.07 0.70 12.12
C CYS C 53 21.22 0.04 11.06
N LEU C 54 21.29 -1.29 11.02
CA LEU C 54 20.47 -2.02 10.08
C LEU C 54 19.17 -1.23 10.12
N PHE C 55 18.57 -1.20 11.30
CA PHE C 55 17.34 -0.44 11.50
C PHE C 55 17.38 0.76 10.65
N ARG C 56 18.50 1.42 10.63
CA ARG C 56 18.57 2.63 9.82
C ARG C 56 18.69 2.31 8.36
N SER C 57 19.70 1.52 7.99
CA SER C 57 19.90 1.14 6.60
C SER C 57 18.50 0.97 6.01
N TRP C 58 17.79 -0.01 6.55
CA TRP C 58 16.46 -0.28 6.12
C TRP C 58 15.53 0.91 6.06
N ALA C 59 15.56 1.80 7.00
CA ALA C 59 14.58 2.84 6.85
C ALA C 59 14.91 3.72 5.67
N ILE C 60 16.20 4.02 5.49
CA ILE C 60 16.53 4.88 4.34
C ILE C 60 16.46 4.01 3.13
N HIS C 61 16.68 2.70 3.31
CA HIS C 61 16.57 1.84 2.12
C HIS C 61 15.14 1.90 1.69
N THR C 62 14.25 1.30 2.47
CA THR C 62 12.85 1.34 2.13
C THR C 62 12.31 2.74 1.94
N GLY C 63 13.18 3.71 2.09
CA GLY C 63 12.77 5.08 1.88
C GLY C 63 11.99 5.79 2.97
N ARG C 64 12.01 5.28 4.22
CA ARG C 64 11.23 5.92 5.29
C ARG C 64 11.89 7.24 5.67
N TYR C 65 13.22 7.17 5.71
CA TYR C 65 14.04 8.29 6.07
C TYR C 65 15.10 8.36 4.99
N LYS C 66 15.67 9.54 4.80
CA LYS C 66 16.72 9.77 3.82
C LYS C 66 17.70 10.68 4.52
N ALA C 67 18.92 10.21 4.76
CA ALA C 67 19.90 11.02 5.46
C ALA C 67 19.65 12.55 5.37
N GLY C 68 20.07 13.28 6.38
CA GLY C 68 19.87 14.71 6.37
C GLY C 68 18.39 14.97 6.42
N GLU C 69 17.70 14.37 7.37
CA GLU C 69 16.28 14.62 7.47
C GLU C 69 16.04 14.81 8.93
N LYS C 70 15.37 15.94 9.19
CA LYS C 70 15.05 16.46 10.51
C LYS C 70 14.50 15.54 11.59
N GLU C 71 14.86 14.25 11.58
CA GLU C 71 14.32 13.36 12.62
C GLU C 71 14.90 11.94 12.83
N PRO C 72 16.24 11.76 12.91
CA PRO C 72 16.91 10.46 13.11
C PRO C 72 16.13 9.32 13.80
N ASP C 73 15.11 9.68 14.55
CA ASP C 73 14.18 8.74 15.19
C ASP C 73 14.44 7.29 14.82
N PRO C 74 15.28 6.61 15.59
CA PRO C 74 15.62 5.22 15.33
C PRO C 74 14.83 4.34 16.18
N LYS C 75 13.95 4.91 16.98
CA LYS C 75 13.09 4.06 17.81
C LYS C 75 12.31 3.43 16.71
N THR C 76 11.66 4.30 15.96
CA THR C 76 10.90 3.82 14.86
C THR C 76 11.72 2.87 14.02
N TRP C 77 12.72 3.42 13.35
CA TRP C 77 13.59 2.59 12.53
C TRP C 77 13.50 1.18 13.09
N LYS C 78 13.64 1.03 14.41
CA LYS C 78 13.56 -0.28 15.08
C LYS C 78 12.16 -0.90 14.88
N ALA C 79 11.12 -0.18 15.22
CA ALA C 79 9.77 -0.73 15.04
C ALA C 79 9.47 -1.18 13.58
N ASN C 80 9.61 -0.20 12.69
CA ASN C 80 9.39 -0.45 11.31
C ASN C 80 10.13 -1.75 11.10
N PHE C 81 11.40 -1.82 11.49
CA PHE C 81 12.14 -3.08 11.30
C PHE C 81 11.66 -4.21 12.13
N ARG C 82 11.23 -3.97 13.35
CA ARG C 82 10.76 -5.09 14.12
C ARG C 82 9.57 -5.58 13.35
N CYS C 83 8.51 -4.77 13.31
CA CYS C 83 7.28 -5.15 12.63
C CYS C 83 7.50 -5.90 11.35
N ALA C 84 8.30 -5.31 10.46
CA ALA C 84 8.64 -6.00 9.21
C ALA C 84 9.05 -7.44 9.46
N MET C 85 10.17 -7.58 10.13
CA MET C 85 10.69 -8.86 10.39
C MET C 85 9.52 -9.69 10.82
N ASN C 86 8.56 -9.09 11.52
CA ASN C 86 7.44 -9.89 11.97
C ASN C 86 6.77 -10.42 10.73
N SER C 87 5.91 -9.62 10.08
CA SER C 87 5.27 -9.98 8.78
C SER C 87 5.96 -11.07 7.99
N LEU C 88 7.14 -10.79 7.46
CA LEU C 88 7.86 -11.80 6.65
C LEU C 88 7.49 -13.21 6.98
N PRO C 89 7.30 -14.02 5.96
CA PRO C 89 6.95 -15.39 6.27
C PRO C 89 8.14 -16.31 6.16
N ASP C 90 9.19 -15.88 5.48
CA ASP C 90 10.35 -16.72 5.26
C ASP C 90 11.47 -16.46 6.19
N ILE C 91 11.14 -15.90 7.33
CA ILE C 91 12.16 -15.67 8.34
C ILE C 91 11.53 -15.83 9.69
N GLU C 92 11.79 -16.96 10.32
CA GLU C 92 11.25 -17.19 11.64
C GLU C 92 12.32 -16.91 12.70
N GLU C 93 12.01 -16.06 13.66
CA GLU C 93 12.99 -15.89 14.73
C GLU C 93 12.99 -17.15 15.57
N VAL C 94 14.11 -17.82 15.74
CA VAL C 94 14.14 -18.97 16.62
C VAL C 94 13.98 -18.18 17.89
N LYS C 95 12.78 -18.15 18.48
CA LYS C 95 12.52 -17.32 19.66
C LYS C 95 13.08 -17.63 21.06
N ASP C 96 13.45 -18.87 21.34
CA ASP C 96 13.98 -19.20 22.68
C ASP C 96 15.26 -18.45 23.01
N GLN C 97 15.24 -17.09 22.90
CA GLN C 97 16.44 -16.25 23.13
C GLN C 97 16.63 -15.21 24.26
N SER C 98 17.84 -14.61 24.17
CA SER C 98 18.48 -13.68 25.12
C SER C 98 18.28 -12.19 25.12
N ARG C 99 18.10 -11.67 26.34
CA ARG C 99 17.85 -10.25 26.65
C ARG C 99 18.74 -9.63 27.74
N ASN C 100 19.16 -8.40 27.47
CA ASN C 100 19.97 -7.55 28.36
C ASN C 100 21.49 -7.65 28.44
N LYS C 101 22.15 -6.53 28.09
CA LYS C 101 23.62 -6.38 28.13
C LYS C 101 24.36 -7.11 27.00
N GLY C 102 24.28 -6.54 25.79
CA GLY C 102 24.89 -7.18 24.63
C GLY C 102 24.02 -8.36 24.19
N SER C 103 22.73 -8.09 24.09
CA SER C 103 21.77 -9.09 23.71
C SER C 103 21.41 -8.90 22.26
N SER C 104 20.86 -9.95 21.70
CA SER C 104 20.53 -9.91 20.31
C SER C 104 19.40 -10.89 20.07
N ALA C 105 18.78 -10.78 18.88
CA ALA C 105 17.70 -11.65 18.46
C ALA C 105 18.28 -12.59 17.40
N VAL C 106 17.74 -13.81 17.35
CA VAL C 106 18.21 -14.84 16.43
C VAL C 106 17.11 -15.44 15.59
N ARG C 107 17.37 -15.59 14.30
CA ARG C 107 16.36 -16.19 13.47
C ARG C 107 16.90 -17.14 12.40
N VAL C 108 16.04 -18.02 11.89
CA VAL C 108 16.37 -18.94 10.81
C VAL C 108 15.62 -18.33 9.65
N TYR C 109 16.12 -18.51 8.45
CA TYR C 109 15.43 -18.03 7.26
C TYR C 109 14.71 -19.26 6.81
N ARG C 110 13.39 -19.27 6.66
CA ARG C 110 12.80 -20.52 6.19
C ARG C 110 13.45 -20.84 4.85
N MET C 111 13.93 -22.07 4.72
CA MET C 111 14.58 -22.46 3.48
C MET C 111 13.55 -22.86 2.44
N MET D 8 -10.72 10.00 7.91
CA MET D 8 -10.72 8.63 7.33
C MET D 8 -11.90 8.42 6.39
N ARG D 9 -12.04 9.37 5.46
CA ARG D 9 -13.12 9.43 4.44
C ARG D 9 -13.78 8.14 3.91
N PRO D 10 -14.86 8.30 3.13
CA PRO D 10 -15.48 7.08 2.67
C PRO D 10 -14.66 6.23 1.78
N TRP D 11 -15.20 5.05 1.58
CA TRP D 11 -14.62 4.03 0.74
C TRP D 11 -15.68 3.71 -0.30
N LEU D 12 -15.24 3.34 -1.51
CA LEU D 12 -16.14 3.10 -2.64
C LEU D 12 -17.58 2.86 -2.25
N GLU D 13 -17.96 1.73 -1.64
CA GLU D 13 -19.42 1.56 -1.40
C GLU D 13 -20.12 2.84 -0.91
N MET D 14 -19.36 3.81 -0.41
CA MET D 14 -19.93 5.01 0.09
C MET D 14 -19.91 5.99 -1.03
N GLN D 15 -18.73 6.53 -1.34
CA GLN D 15 -18.60 7.46 -2.45
C GLN D 15 -19.73 7.14 -3.51
N ILE D 16 -19.78 5.97 -4.19
CA ILE D 16 -20.91 5.83 -5.14
C ILE D 16 -22.30 5.98 -4.47
N ASN D 17 -22.51 5.31 -3.34
CA ASN D 17 -23.79 5.39 -2.60
C ASN D 17 -24.22 6.84 -2.58
N SER D 18 -23.42 7.68 -1.99
CA SER D 18 -23.74 9.07 -1.98
C SER D 18 -23.81 9.56 -3.43
N ASN D 19 -22.72 9.46 -4.17
CA ASN D 19 -22.67 9.93 -5.55
C ASN D 19 -23.86 9.52 -6.45
N GLN D 20 -24.64 8.52 -6.08
CA GLN D 20 -25.80 8.21 -6.90
C GLN D 20 -27.00 8.93 -6.31
N ILE D 21 -26.85 9.28 -5.03
CA ILE D 21 -27.86 9.98 -4.27
C ILE D 21 -27.84 11.52 -4.46
N PRO D 22 -26.93 12.04 -5.30
CA PRO D 22 -26.91 13.47 -5.53
C PRO D 22 -27.34 13.70 -7.00
N GLY D 23 -26.45 14.36 -7.74
CA GLY D 23 -26.70 14.63 -9.14
C GLY D 23 -25.39 14.48 -9.90
N LEU D 24 -25.11 13.28 -10.40
CA LEU D 24 -23.93 13.14 -11.19
C LEU D 24 -24.41 12.92 -12.60
N ILE D 25 -24.92 11.73 -12.90
CA ILE D 25 -25.40 11.46 -14.26
C ILE D 25 -25.88 10.04 -14.47
N TRP D 26 -25.86 9.22 -13.42
CA TRP D 26 -26.37 7.87 -13.50
C TRP D 26 -27.34 7.70 -12.31
N ILE D 27 -27.98 6.55 -12.30
CA ILE D 27 -29.06 6.21 -11.41
C ILE D 27 -29.04 5.03 -10.52
N ASN D 28 -29.94 5.12 -9.54
CA ASN D 28 -30.22 4.06 -8.60
C ASN D 28 -31.46 3.45 -9.26
N LYS D 29 -31.32 2.99 -10.51
CA LYS D 29 -32.45 2.37 -11.20
C LYS D 29 -32.99 1.17 -10.40
N GLU D 30 -33.20 1.40 -9.11
CA GLU D 30 -33.70 0.41 -8.15
C GLU D 30 -33.27 0.83 -6.73
N GLU D 31 -33.68 0.03 -5.74
CA GLU D 31 -33.33 0.30 -4.36
C GLU D 31 -32.56 -0.93 -3.98
N MET D 32 -31.47 -1.14 -4.75
CA MET D 32 -30.48 -2.24 -4.66
C MET D 32 -29.38 -1.91 -5.67
N ILE D 33 -29.84 -1.77 -6.92
CA ILE D 33 -29.03 -1.55 -8.13
C ILE D 33 -28.86 -0.18 -8.76
N PHE D 34 -27.73 0.01 -9.46
CA PHE D 34 -27.43 1.30 -10.13
C PHE D 34 -26.70 1.24 -11.46
N GLN D 35 -26.51 2.40 -12.10
CA GLN D 35 -25.86 2.46 -13.40
C GLN D 35 -24.51 3.19 -13.33
N ILE D 36 -23.78 3.26 -14.43
CA ILE D 36 -22.55 4.06 -14.48
C ILE D 36 -22.19 4.27 -15.96
N PRO D 37 -22.18 5.54 -16.37
CA PRO D 37 -21.86 5.98 -17.73
C PRO D 37 -20.50 5.53 -18.28
N TRP D 38 -20.50 4.31 -18.80
CA TRP D 38 -19.29 3.71 -19.36
C TRP D 38 -19.10 4.05 -20.83
N LYS D 39 -19.49 5.25 -21.26
CA LYS D 39 -19.30 5.52 -22.68
C LYS D 39 -17.89 5.19 -23.07
N HIS D 40 -17.71 4.28 -24.02
CA HIS D 40 -16.35 4.02 -24.39
C HIS D 40 -15.85 5.39 -24.80
N ALA D 41 -14.58 5.69 -24.56
CA ALA D 41 -14.06 7.03 -24.86
C ALA D 41 -13.39 7.27 -26.19
N ALA D 42 -13.84 6.56 -27.22
CA ALA D 42 -13.31 6.74 -28.57
C ALA D 42 -14.55 7.01 -29.37
N LYS D 43 -15.67 6.65 -28.75
CA LYS D 43 -16.95 6.90 -29.34
C LYS D 43 -16.73 8.40 -29.59
N HIS D 44 -17.35 8.96 -30.62
CA HIS D 44 -17.09 10.36 -30.88
C HIS D 44 -17.69 11.33 -29.92
N GLY D 45 -18.88 11.03 -29.40
CA GLY D 45 -19.50 11.96 -28.45
C GLY D 45 -18.89 11.94 -27.04
N TRP D 46 -17.58 11.79 -26.95
CA TRP D 46 -17.00 11.69 -25.62
C TRP D 46 -16.40 12.90 -24.98
N ASP D 47 -17.17 13.50 -24.08
CA ASP D 47 -16.68 14.67 -23.37
C ASP D 47 -16.20 14.32 -21.98
N ILE D 48 -14.90 14.52 -21.75
CA ILE D 48 -14.34 14.20 -20.43
C ILE D 48 -15.28 14.67 -19.36
N ASN D 49 -15.74 15.91 -19.49
CA ASN D 49 -16.64 16.46 -18.50
C ASN D 49 -18.05 15.89 -18.47
N LYS D 50 -18.31 14.85 -19.25
CA LYS D 50 -19.65 14.34 -19.20
C LYS D 50 -19.66 12.87 -18.99
N ASP D 51 -18.54 12.24 -19.28
CA ASP D 51 -18.50 10.78 -19.14
C ASP D 51 -17.60 10.35 -18.05
N ALA D 52 -16.37 10.81 -18.17
CA ALA D 52 -15.34 10.51 -17.24
C ALA D 52 -15.51 11.46 -16.06
N CYS D 53 -16.61 11.34 -15.31
CA CYS D 53 -16.86 12.20 -14.16
C CYS D 53 -16.66 11.50 -12.83
N LEU D 54 -17.65 10.69 -12.44
CA LEU D 54 -17.52 9.88 -11.26
C LEU D 54 -16.05 9.47 -11.30
N PHE D 55 -15.67 8.82 -12.40
CA PHE D 55 -14.29 8.39 -12.58
C PHE D 55 -13.36 9.41 -12.06
N ARG D 56 -13.70 10.67 -12.34
CA ARG D 56 -12.87 11.77 -11.90
C ARG D 56 -13.12 12.07 -10.45
N SER D 57 -14.37 12.31 -10.09
CA SER D 57 -14.69 12.57 -8.69
C SER D 57 -13.79 11.66 -7.83
N TRP D 58 -13.98 10.35 -8.01
CA TRP D 58 -13.23 9.38 -7.25
C TRP D 58 -11.74 9.52 -7.28
N ALA D 59 -11.13 9.84 -8.42
CA ALA D 59 -9.68 9.96 -8.39
C ALA D 59 -9.26 11.14 -7.57
N ILE D 60 -9.95 12.26 -7.71
CA ILE D 60 -9.50 13.36 -6.88
C ILE D 60 -9.98 13.04 -5.50
N HIS D 61 -11.09 12.32 -5.38
CA HIS D 61 -11.53 12.01 -4.01
C HIS D 61 -10.45 11.22 -3.34
N THR D 62 -10.24 10.01 -3.80
CA THR D 62 -9.24 9.14 -3.23
C THR D 62 -7.88 9.75 -3.30
N GLY D 63 -7.80 10.90 -3.92
CA GLY D 63 -6.52 11.55 -3.94
C GLY D 63 -5.52 11.16 -4.98
N ARG D 64 -5.96 10.52 -6.06
CA ARG D 64 -5.04 10.14 -7.14
C ARG D 64 -4.64 11.38 -7.95
N TYR D 65 -5.63 12.23 -8.18
CA TYR D 65 -5.45 13.43 -8.94
C TYR D 65 -6.07 14.55 -8.20
N LYS D 66 -5.68 15.72 -8.66
CA LYS D 66 -6.09 16.94 -8.05
C LYS D 66 -6.37 17.95 -9.12
N ALA D 67 -7.63 18.37 -9.17
CA ALA D 67 -8.06 19.36 -10.14
C ALA D 67 -6.94 20.35 -10.27
N GLY D 68 -6.85 20.98 -11.44
CA GLY D 68 -5.79 21.95 -11.71
C GLY D 68 -4.45 21.24 -11.92
N GLU D 69 -4.49 19.93 -12.17
CA GLU D 69 -3.29 19.12 -12.40
C GLU D 69 -2.99 19.03 -13.91
N LYS D 70 -1.83 18.51 -14.28
CA LYS D 70 -1.47 18.43 -15.71
C LYS D 70 -1.83 17.11 -16.34
N GLU D 71 -2.09 16.13 -15.51
CA GLU D 71 -2.51 14.84 -16.02
C GLU D 71 -4.04 14.90 -15.99
N PRO D 72 -4.70 14.84 -17.15
CA PRO D 72 -6.18 14.89 -17.12
C PRO D 72 -6.53 13.39 -17.07
N ASP D 73 -5.63 12.64 -17.70
CA ASP D 73 -5.63 11.18 -17.83
C ASP D 73 -6.83 10.54 -17.16
N PRO D 74 -7.93 10.48 -17.88
CA PRO D 74 -9.12 9.90 -17.31
C PRO D 74 -9.21 8.50 -17.78
N LYS D 75 -8.27 8.08 -18.59
CA LYS D 75 -8.37 6.71 -19.04
C LYS D 75 -8.25 6.02 -17.71
N THR D 76 -7.15 6.33 -17.05
CA THR D 76 -6.88 5.77 -15.78
C THR D 76 -8.05 5.98 -14.88
N TRP D 77 -8.30 7.23 -14.55
CA TRP D 77 -9.43 7.53 -13.69
C TRP D 77 -10.45 6.37 -13.85
N LYS D 78 -10.71 5.98 -15.10
CA LYS D 78 -11.68 4.91 -15.41
C LYS D 78 -11.15 3.57 -14.86
N ALA D 79 -9.94 3.20 -15.23
CA ALA D 79 -9.36 1.95 -14.71
C ALA D 79 -9.38 1.91 -13.16
N ASN D 80 -8.67 2.84 -12.59
CA ASN D 80 -8.64 2.95 -11.18
C ASN D 80 -10.07 2.66 -10.78
N PHE D 81 -11.03 3.41 -11.32
CA PHE D 81 -12.42 3.20 -10.92
C PHE D 81 -12.98 1.86 -11.31
N ARG D 82 -12.60 1.39 -12.49
CA ARG D 82 -13.10 0.08 -12.90
C ARG D 82 -12.55 -0.82 -11.84
N CYS D 83 -11.28 -1.19 -11.95
CA CYS D 83 -10.65 -2.06 -10.98
C CYS D 83 -11.25 -1.96 -9.56
N ALA D 84 -11.33 -0.75 -9.01
CA ALA D 84 -11.90 -0.59 -7.70
C ALA D 84 -13.21 -1.32 -7.62
N MET D 85 -14.17 -0.85 -8.39
CA MET D 85 -15.50 -1.41 -8.35
C MET D 85 -15.32 -2.89 -8.41
N ASN D 86 -14.28 -3.33 -9.09
CA ASN D 86 -14.08 -4.77 -9.15
C ASN D 86 -13.92 -5.26 -7.71
N SER D 87 -12.70 -5.16 -7.15
CA SER D 87 -12.39 -5.47 -5.73
C SER D 87 -13.58 -5.50 -4.77
N LEU D 88 -14.15 -4.33 -4.47
CA LEU D 88 -15.32 -4.22 -3.60
C LEU D 88 -16.11 -5.49 -3.51
N PRO D 89 -16.49 -5.87 -2.33
CA PRO D 89 -17.26 -7.10 -2.22
C PRO D 89 -18.77 -6.86 -2.07
N ASP D 90 -19.12 -5.65 -1.68
CA ASP D 90 -20.51 -5.32 -1.45
C ASP D 90 -21.16 -4.59 -2.64
N ILE D 91 -20.64 -4.84 -3.84
CA ILE D 91 -21.22 -4.28 -5.05
C ILE D 91 -20.89 -5.20 -6.19
N GLU D 92 -21.77 -6.10 -6.56
CA GLU D 92 -21.48 -6.98 -7.72
C GLU D 92 -22.05 -6.34 -9.00
N GLU D 93 -21.28 -6.29 -10.08
CA GLU D 93 -21.79 -5.72 -11.32
C GLU D 93 -22.66 -6.82 -11.83
N VAL D 94 -23.94 -6.53 -12.05
CA VAL D 94 -24.88 -7.52 -12.60
C VAL D 94 -24.35 -7.66 -14.02
N LYS D 95 -23.57 -8.69 -14.32
CA LYS D 95 -22.96 -8.79 -15.65
C LYS D 95 -23.83 -8.76 -16.91
N ASP D 96 -25.14 -8.90 -16.76
CA ASP D 96 -26.05 -8.83 -17.90
C ASP D 96 -26.00 -7.39 -18.46
N GLN D 97 -24.87 -7.02 -19.09
CA GLN D 97 -24.68 -5.65 -19.68
C GLN D 97 -23.24 -5.12 -20.01
N SER D 98 -22.39 -5.91 -20.70
CA SER D 98 -21.01 -5.47 -21.12
C SER D 98 -21.09 -4.41 -22.26
N ARG D 99 -22.14 -3.61 -22.17
CA ARG D 99 -22.47 -2.55 -23.12
C ARG D 99 -21.40 -2.07 -24.07
N ASN D 100 -21.93 -1.69 -25.24
CA ASN D 100 -21.14 -1.16 -26.32
C ASN D 100 -21.41 0.30 -26.69
N LYS D 101 -22.64 0.66 -27.07
CA LYS D 101 -22.88 2.08 -27.41
C LYS D 101 -23.98 2.69 -26.55
N GLY D 102 -23.85 4.00 -26.22
CA GLY D 102 -24.82 4.65 -25.39
C GLY D 102 -24.82 3.51 -24.40
N SER D 103 -23.58 3.23 -23.97
CA SER D 103 -23.21 2.15 -23.05
C SER D 103 -22.95 2.46 -21.55
N SER D 104 -23.00 1.43 -20.72
CA SER D 104 -22.77 1.62 -19.29
C SER D 104 -22.56 0.30 -18.62
N ALA D 105 -22.02 0.33 -17.39
CA ALA D 105 -21.80 -0.88 -16.58
C ALA D 105 -22.88 -0.91 -15.45
N VAL D 106 -23.33 -2.09 -15.07
CA VAL D 106 -24.37 -2.17 -14.06
C VAL D 106 -24.00 -3.05 -12.90
N ARG D 107 -24.31 -2.60 -11.68
CA ARG D 107 -24.01 -3.43 -10.52
C ARG D 107 -25.06 -3.43 -9.42
N VAL D 108 -25.04 -4.47 -8.59
CA VAL D 108 -25.93 -4.59 -7.43
C VAL D 108 -25.01 -4.33 -6.28
N TYR D 109 -25.52 -3.74 -5.22
CA TYR D 109 -24.67 -3.54 -4.05
C TYR D 109 -24.96 -4.76 -3.20
N ARG D 110 -23.96 -5.54 -2.78
CA ARG D 110 -24.34 -6.66 -1.93
C ARG D 110 -25.01 -6.06 -0.69
N MET D 111 -26.20 -6.56 -0.39
CA MET D 111 -26.97 -6.08 0.74
C MET D 111 -26.51 -6.76 2.02
#